data_7JJA
#
_entry.id   7JJA
#
_cell.length_a   44.166
_cell.length_b   50.169
_cell.length_c   87.783
_cell.angle_alpha   90.000
_cell.angle_beta   90.000
_cell.angle_gamma   90.000
#
_symmetry.space_group_name_H-M   'P 21 2 21'
#
loop_
_entity.id
_entity.type
_entity.pdbx_description
1 polymer 'Zinc-binding lipoprotein AdcA'
2 non-polymer '{[-(BIS-CARBOXYMETHYL-AMINO)-ETHYL]-CARBOXYMETHYL-AMINO}-ACETIC ACID'
3 non-polymer 'SODIUM ION'
4 water water
#
_entity_poly.entity_id   1
_entity_poly.type   'polypeptide(L)'
_entity_poly.pdbx_seq_one_letter_code
;DTKTVQNGYFEDAAVKDRTLSDYAGNWQSVYPFLEDGTFDQVFDYKAKLTGKMTQAEYKAYYTKGYQTDVTKINITDNTM
EFVQGGQSKKYTYKYVGKKILTYKKGNRGVRFLFEATDADAGQFKYVQFSDHNIAPVKAEHFHIFFGGTSQETLFEEMDN
WPTYYPDNLSGQEIAQEMLAH
;
_entity_poly.pdbx_strand_id   A
#
loop_
_chem_comp.id
_chem_comp.type
_chem_comp.name
_chem_comp.formula
EDT non-polymer '{[-(BIS-CARBOXYMETHYL-AMINO)-ETHYL]-CARBOXYMETHYL-AMINO}-ACETIC ACID' 'C10 H16 N2 O8'
NA non-polymer 'SODIUM ION' 'Na 1'
#
# COMPACT_ATOMS: atom_id res chain seq x y z
N ASP A 1 -19.32 -8.15 2.47
CA ASP A 1 -18.83 -6.98 1.75
C ASP A 1 -19.66 -6.70 0.50
N THR A 2 -20.05 -5.43 0.33
CA THR A 2 -20.75 -5.03 -0.88
C THR A 2 -19.84 -5.19 -2.08
N LYS A 3 -20.45 -5.43 -3.24
CA LYS A 3 -19.70 -5.69 -4.47
C LYS A 3 -19.35 -4.36 -5.14
N THR A 4 -18.41 -3.65 -4.51
CA THR A 4 -17.95 -2.35 -4.97
C THR A 4 -16.51 -2.45 -5.43
N VAL A 5 -16.08 -1.44 -6.20
CA VAL A 5 -14.72 -1.42 -6.74
C VAL A 5 -13.70 -1.47 -5.62
N GLN A 6 -13.89 -0.66 -4.57
CA GLN A 6 -12.87 -0.57 -3.55
C GLN A 6 -12.89 -1.78 -2.61
N ASN A 7 -13.92 -2.63 -2.67
CA ASN A 7 -13.89 -3.93 -2.02
C ASN A 7 -13.36 -5.03 -2.94
N GLY A 8 -12.95 -4.67 -4.16
CA GLY A 8 -12.30 -5.60 -5.05
C GLY A 8 -13.21 -6.27 -6.05
N TYR A 9 -14.38 -5.68 -6.32
CA TYR A 9 -15.36 -6.21 -7.27
C TYR A 9 -15.51 -5.19 -8.39
N PHE A 10 -14.93 -5.51 -9.55
CA PHE A 10 -14.87 -4.55 -10.64
C PHE A 10 -14.75 -5.32 -11.94
N GLU A 11 -15.01 -4.61 -13.03
CA GLU A 11 -14.94 -5.21 -14.36
C GLU A 11 -13.53 -5.03 -14.90
N ASP A 12 -13.02 -6.07 -15.57
CA ASP A 12 -11.69 -5.99 -16.17
C ASP A 12 -11.54 -4.77 -17.06
N ALA A 13 -12.58 -4.45 -17.82
CA ALA A 13 -12.47 -3.37 -18.80
C ALA A 13 -12.29 -2.00 -18.15
N ALA A 14 -12.64 -1.85 -16.88
CA ALA A 14 -12.50 -0.57 -16.20
C ALA A 14 -11.10 -0.33 -15.64
N VAL A 15 -10.23 -1.34 -15.71
CA VAL A 15 -8.87 -1.21 -15.21
C VAL A 15 -8.05 -0.46 -16.24
N LYS A 16 -7.46 0.68 -15.82
CA LYS A 16 -6.78 1.58 -16.74
C LYS A 16 -5.43 2.01 -16.16
N ASP A 17 -4.48 2.28 -17.05
CA ASP A 17 -3.13 2.66 -16.65
C ASP A 17 -3.14 3.94 -15.84
N ARG A 18 -2.17 4.02 -14.91
CA ARG A 18 -1.95 5.19 -14.08
C ARG A 18 -0.51 5.66 -14.27
N THR A 19 -0.21 6.81 -13.67
CA THR A 19 1.13 7.38 -13.65
C THR A 19 1.55 7.58 -12.20
N LEU A 20 2.86 7.75 -12.01
CA LEU A 20 3.39 7.92 -10.66
C LEU A 20 2.83 9.18 -9.99
N SER A 21 2.45 10.18 -10.79
CA SER A 21 1.87 11.41 -10.25
C SER A 21 0.65 11.15 -9.38
N ASP A 22 -0.10 10.06 -9.61
CA ASP A 22 -1.23 9.77 -8.72
C ASP A 22 -0.78 9.61 -7.28
N TYR A 23 0.47 9.18 -7.07
CA TYR A 23 0.99 8.84 -5.76
C TYR A 23 1.92 9.93 -5.20
N ALA A 24 2.05 11.06 -5.89
CA ALA A 24 2.98 12.09 -5.44
C ALA A 24 2.57 12.62 -4.06
N GLY A 25 3.56 12.88 -3.24
CA GLY A 25 3.35 13.42 -1.90
C GLY A 25 4.42 12.93 -0.96
N ASN A 26 4.28 13.35 0.30
CA ASN A 26 5.15 12.93 1.39
C ASN A 26 4.34 12.00 2.28
N TRP A 27 4.80 10.77 2.46
CA TRP A 27 4.00 9.69 3.03
C TRP A 27 4.71 9.06 4.21
N GLN A 28 3.92 8.56 5.15
CA GLN A 28 4.42 7.97 6.39
C GLN A 28 3.83 6.57 6.59
N SER A 29 4.66 5.65 7.09
CA SER A 29 4.19 4.33 7.47
C SER A 29 3.19 4.40 8.61
N VAL A 30 2.14 3.59 8.54
CA VAL A 30 1.17 3.53 9.63
C VAL A 30 1.59 2.60 10.76
N TYR A 31 2.63 1.81 10.55
CA TYR A 31 3.00 0.78 11.54
C TYR A 31 3.23 1.35 12.93
N PRO A 32 3.89 2.50 13.12
CA PRO A 32 4.07 3.02 14.49
C PRO A 32 2.76 3.19 15.24
N PHE A 33 1.67 3.51 14.54
CA PHE A 33 0.38 3.76 15.18
C PHE A 33 -0.36 2.47 15.50
N LEU A 34 -0.02 1.37 14.83
CA LEU A 34 -0.44 0.06 15.35
C LEU A 34 0.36 -0.25 16.61
N GLU A 35 1.67 -0.04 16.56
CA GLU A 35 2.54 -0.44 17.67
C GLU A 35 2.26 0.36 18.95
N ASP A 36 1.86 1.63 18.85
CA ASP A 36 1.63 2.46 20.01
C ASP A 36 0.20 2.41 20.52
N GLY A 37 -0.65 1.55 19.93
CA GLY A 37 -1.99 1.36 20.41
C GLY A 37 -3.04 2.26 19.79
N THR A 38 -2.65 3.22 18.95
CA THR A 38 -3.62 4.14 18.36
C THR A 38 -4.66 3.39 17.54
N PHE A 39 -4.29 2.27 16.92
CA PHE A 39 -5.25 1.53 16.11
C PHE A 39 -6.05 0.49 16.91
N ASP A 40 -5.84 0.36 18.22
CA ASP A 40 -6.68 -0.58 18.97
C ASP A 40 -8.16 -0.24 18.79
N GLN A 41 -8.51 1.05 18.76
CA GLN A 41 -9.89 1.44 18.56
C GLN A 41 -10.41 1.01 17.19
N VAL A 42 -9.52 0.94 16.19
CA VAL A 42 -9.90 0.46 14.86
C VAL A 42 -10.21 -1.03 14.90
N PHE A 43 -9.35 -1.81 15.54
CA PHE A 43 -9.55 -3.26 15.58
C PHE A 43 -10.75 -3.64 16.42
N ASP A 44 -11.02 -2.88 17.49
CA ASP A 44 -12.22 -3.11 18.27
C ASP A 44 -13.46 -2.87 17.42
N TYR A 45 -13.47 -1.76 16.69
CA TYR A 45 -14.59 -1.43 15.81
C TYR A 45 -14.79 -2.50 14.73
N LYS A 46 -13.71 -2.92 14.08
CA LYS A 46 -13.84 -3.91 13.02
C LYS A 46 -14.40 -5.22 13.57
N ALA A 47 -13.90 -5.66 14.72
CA ALA A 47 -14.40 -6.90 15.31
C ALA A 47 -15.88 -6.82 15.59
N LYS A 48 -16.34 -5.72 16.17
CA LYS A 48 -17.75 -5.56 16.47
C LYS A 48 -18.58 -5.41 15.20
N LEU A 49 -18.03 -4.80 14.16
CA LEU A 49 -18.79 -4.54 12.94
C LEU A 49 -18.94 -5.80 12.08
N THR A 50 -17.85 -6.51 11.80
CA THR A 50 -17.88 -7.63 10.86
C THR A 50 -18.07 -8.98 11.52
N GLY A 51 -17.58 -9.16 12.75
CA GLY A 51 -17.61 -10.46 13.40
C GLY A 51 -16.66 -11.49 12.84
N LYS A 52 -15.77 -11.11 11.91
CA LYS A 52 -14.95 -12.11 11.22
C LYS A 52 -13.71 -12.50 12.01
N MET A 53 -13.27 -11.67 12.94
CA MET A 53 -12.11 -11.92 13.78
C MET A 53 -12.34 -11.22 15.11
N THR A 54 -11.67 -11.70 16.14
CA THR A 54 -11.64 -10.94 17.38
C THR A 54 -10.74 -9.72 17.23
N GLN A 55 -10.83 -8.81 18.19
CA GLN A 55 -9.96 -7.65 18.18
C GLN A 55 -8.49 -8.07 18.15
N ALA A 56 -8.12 -9.06 18.99
CA ALA A 56 -6.73 -9.51 19.02
C ALA A 56 -6.33 -10.15 17.69
N GLU A 57 -7.24 -10.91 17.09
CA GLU A 57 -6.94 -11.51 15.79
C GLU A 57 -6.77 -10.44 14.72
N TYR A 58 -7.63 -9.42 14.72
CA TYR A 58 -7.45 -8.32 13.78
C TYR A 58 -6.10 -7.64 14.00
N LYS A 59 -5.73 -7.40 15.25
CA LYS A 59 -4.45 -6.74 15.50
C LYS A 59 -3.29 -7.57 14.97
N ALA A 60 -3.32 -8.89 15.16
CA ALA A 60 -2.23 -9.73 14.67
C ALA A 60 -2.18 -9.72 13.15
N TYR A 61 -3.35 -9.75 12.51
CA TYR A 61 -3.45 -9.73 11.05
C TYR A 61 -2.85 -8.43 10.49
N TYR A 62 -3.21 -7.30 11.10
CA TYR A 62 -2.68 -6.02 10.66
C TYR A 62 -1.23 -5.79 11.10
N THR A 63 -0.77 -6.46 12.16
CA THR A 63 0.67 -6.41 12.48
C THR A 63 1.48 -7.05 11.35
N LYS A 64 1.04 -8.23 10.91
CA LYS A 64 1.69 -8.88 9.79
C LYS A 64 1.58 -8.02 8.53
N GLY A 65 0.41 -7.41 8.32
CA GLY A 65 0.21 -6.58 7.14
C GLY A 65 1.08 -5.32 7.13
N TYR A 66 1.18 -4.62 8.26
CA TYR A 66 1.78 -3.29 8.26
C TYR A 66 3.29 -3.28 8.55
N GLN A 67 3.86 -4.35 9.09
CA GLN A 67 5.26 -4.26 9.52
C GLN A 67 6.15 -3.85 8.36
N THR A 68 7.05 -2.91 8.63
CA THR A 68 8.07 -2.47 7.70
C THR A 68 9.06 -1.59 8.45
N ASP A 69 10.30 -1.54 7.94
CA ASP A 69 11.30 -0.59 8.39
CA ASP A 69 11.31 -0.60 8.37
C ASP A 69 11.41 0.62 7.47
N VAL A 70 10.59 0.72 6.43
CA VAL A 70 10.56 1.89 5.55
C VAL A 70 9.56 2.87 6.19
N THR A 71 10.09 3.85 6.92
CA THR A 71 9.26 4.68 7.77
C THR A 71 8.58 5.81 7.01
N LYS A 72 9.20 6.27 5.92
CA LYS A 72 8.70 7.38 5.12
C LYS A 72 9.04 7.13 3.66
N ILE A 73 8.15 7.58 2.79
CA ILE A 73 8.36 7.51 1.34
C ILE A 73 7.93 8.84 0.75
N ASN A 74 8.81 9.48 -0.03
CA ASN A 74 8.51 10.75 -0.66
C ASN A 74 8.50 10.54 -2.17
N ILE A 75 7.42 10.95 -2.82
CA ILE A 75 7.17 10.62 -4.22
C ILE A 75 6.91 11.90 -4.99
N THR A 76 7.57 12.03 -6.14
CA THR A 76 7.26 13.09 -7.09
C THR A 76 6.70 12.43 -8.36
N ASP A 77 6.50 13.23 -9.41
CA ASP A 77 5.95 12.65 -10.64
C ASP A 77 6.91 11.65 -11.27
N ASN A 78 8.21 11.66 -10.92
CA ASN A 78 9.13 10.71 -11.52
CA ASN A 78 9.13 10.71 -11.52
C ASN A 78 10.16 10.11 -10.57
N THR A 79 10.09 10.38 -9.27
CA THR A 79 11.05 9.82 -8.32
C THR A 79 10.33 9.28 -7.09
N MET A 80 11.00 8.33 -6.43
CA MET A 80 10.61 7.87 -5.11
C MET A 80 11.84 7.82 -4.23
N GLU A 81 11.66 8.24 -2.98
CA GLU A 81 12.69 8.23 -1.95
C GLU A 81 12.19 7.42 -0.77
N PHE A 82 12.98 6.43 -0.36
CA PHE A 82 12.64 5.51 0.72
C PHE A 82 13.56 5.79 1.89
N VAL A 83 12.98 6.03 3.06
CA VAL A 83 13.73 6.25 4.28
C VAL A 83 13.64 4.98 5.12
N GLN A 84 14.79 4.33 5.33
CA GLN A 84 14.82 2.97 5.85
C GLN A 84 16.09 2.81 6.68
N GLY A 85 15.90 2.45 7.94
CA GLY A 85 16.96 2.54 8.90
C GLY A 85 17.49 3.95 8.89
N GLY A 86 18.81 4.05 8.97
CA GLY A 86 19.42 5.36 8.98
C GLY A 86 19.86 5.82 7.60
N GLN A 87 19.05 5.58 6.56
CA GLN A 87 19.49 5.94 5.23
C GLN A 87 18.30 6.26 4.34
N SER A 88 18.53 7.18 3.41
CA SER A 88 17.57 7.57 2.39
C SER A 88 18.12 7.17 1.03
N LYS A 89 17.25 6.58 0.20
CA LYS A 89 17.62 6.18 -1.15
C LYS A 89 16.56 6.70 -2.11
N LYS A 90 16.97 7.44 -3.14
CA LYS A 90 16.06 8.11 -4.06
C LYS A 90 16.42 7.73 -5.49
N TYR A 91 15.43 7.27 -6.25
CA TYR A 91 15.62 6.84 -7.63
C TYR A 91 14.53 7.42 -8.52
N THR A 92 14.83 7.44 -9.82
CA THR A 92 13.87 7.81 -10.84
C THR A 92 13.19 6.56 -11.39
N TYR A 93 11.88 6.68 -11.67
CA TYR A 93 11.06 5.54 -12.05
C TYR A 93 10.29 5.79 -13.34
N LYS A 94 10.06 4.70 -14.08
CA LYS A 94 9.12 4.67 -15.19
C LYS A 94 7.98 3.71 -14.88
N TYR A 95 6.82 4.00 -15.45
CA TYR A 95 5.65 3.11 -15.35
C TYR A 95 5.84 1.94 -16.30
N VAL A 96 5.57 0.72 -15.82
CA VAL A 96 5.69 -0.47 -16.64
C VAL A 96 4.41 -1.29 -16.74
N GLY A 97 3.29 -0.83 -16.18
CA GLY A 97 2.01 -1.48 -16.43
C GLY A 97 1.27 -1.80 -15.16
N LYS A 98 0.37 -2.77 -15.27
CA LYS A 98 -0.57 -3.10 -14.20
C LYS A 98 -0.87 -4.59 -14.22
N LYS A 99 -1.31 -5.11 -13.08
CA LYS A 99 -1.61 -6.52 -12.94
C LYS A 99 -2.85 -6.70 -12.06
N ILE A 100 -3.82 -7.46 -12.55
CA ILE A 100 -4.99 -7.84 -11.77
C ILE A 100 -4.70 -9.13 -11.01
N LEU A 101 -4.74 -9.08 -9.68
CA LEU A 101 -4.56 -10.23 -8.82
C LEU A 101 -5.91 -10.67 -8.23
N THR A 102 -6.05 -11.97 -8.03
CA THR A 102 -7.22 -12.55 -7.37
C THR A 102 -6.81 -13.05 -6.00
N TYR A 103 -7.55 -12.64 -4.98
CA TYR A 103 -7.25 -13.03 -3.61
C TYR A 103 -8.04 -14.27 -3.23
N LYS A 104 -7.60 -14.92 -2.16
CA LYS A 104 -8.19 -16.20 -1.77
C LYS A 104 -9.68 -16.06 -1.51
N LYS A 105 -10.11 -14.93 -0.94
CA LYS A 105 -11.53 -14.74 -0.64
C LYS A 105 -12.38 -14.57 -1.89
N GLY A 106 -11.77 -14.36 -3.05
CA GLY A 106 -12.48 -14.25 -4.30
C GLY A 106 -12.63 -12.84 -4.83
N ASN A 107 -12.30 -11.82 -4.04
CA ASN A 107 -12.21 -10.48 -4.58
C ASN A 107 -10.88 -10.33 -5.33
N ARG A 108 -10.68 -9.17 -5.95
CA ARG A 108 -9.49 -8.91 -6.75
C ARG A 108 -8.92 -7.54 -6.39
N GLY A 109 -7.75 -7.26 -6.93
CA GLY A 109 -7.13 -5.95 -6.78
C GLY A 109 -6.11 -5.75 -7.88
N VAL A 110 -5.74 -4.49 -8.10
CA VAL A 110 -4.80 -4.14 -9.16
C VAL A 110 -3.53 -3.56 -8.55
N ARG A 111 -2.39 -4.10 -8.99
CA ARG A 111 -1.06 -3.55 -8.71
CA ARG A 111 -1.10 -3.51 -8.69
C ARG A 111 -0.64 -2.66 -9.87
N PHE A 112 -0.18 -1.45 -9.57
CA PHE A 112 0.39 -0.53 -10.55
C PHE A 112 1.90 -0.54 -10.40
N LEU A 113 2.60 -0.76 -11.52
CA LEU A 113 3.97 -1.26 -11.54
C LEU A 113 4.94 -0.20 -12.06
N PHE A 114 6.06 -0.05 -11.33
CA PHE A 114 7.09 0.93 -11.65
C PHE A 114 8.46 0.28 -11.58
N GLU A 115 9.38 0.77 -12.40
CA GLU A 115 10.74 0.25 -12.45
C GLU A 115 11.72 1.42 -12.41
N ALA A 116 12.72 1.29 -11.55
CA ALA A 116 13.74 2.33 -11.45
C ALA A 116 14.60 2.33 -12.72
N THR A 117 14.93 3.52 -13.20
CA THR A 117 15.81 3.62 -14.35
C THR A 117 17.28 3.78 -13.96
N ASP A 118 17.56 3.92 -12.67
CA ASP A 118 18.93 4.01 -12.18
C ASP A 118 19.49 2.61 -11.97
N ALA A 119 20.75 2.43 -12.35
CA ALA A 119 21.33 1.10 -12.35
C ALA A 119 21.50 0.54 -10.94
N ASP A 120 21.64 1.41 -9.93
CA ASP A 120 22.01 0.99 -8.59
C ASP A 120 20.83 0.92 -7.64
N ALA A 121 19.61 0.67 -8.16
CA ALA A 121 18.42 0.73 -7.31
C ALA A 121 18.29 -0.46 -6.37
N GLY A 122 18.91 -1.59 -6.68
CA GLY A 122 18.90 -2.70 -5.74
C GLY A 122 17.49 -3.17 -5.44
N GLN A 123 17.17 -3.29 -4.14
CA GLN A 123 15.88 -3.82 -3.71
C GLN A 123 14.73 -2.88 -4.03
N PHE A 124 15.01 -1.64 -4.44
CA PHE A 124 13.98 -0.70 -4.85
C PHE A 124 13.83 -0.63 -6.38
N LYS A 125 14.37 -1.59 -7.12
CA LYS A 125 14.26 -1.52 -8.58
C LYS A 125 12.82 -1.70 -9.05
N TYR A 126 12.08 -2.62 -8.43
CA TYR A 126 10.71 -2.93 -8.83
C TYR A 126 9.79 -2.52 -7.68
N VAL A 127 8.81 -1.65 -7.98
CA VAL A 127 7.94 -1.07 -6.96
C VAL A 127 6.51 -1.14 -7.47
N GLN A 128 5.58 -1.55 -6.60
CA GLN A 128 4.17 -1.67 -6.95
C GLN A 128 3.31 -0.99 -5.89
N PHE A 129 2.20 -0.40 -6.35
CA PHE A 129 1.23 0.25 -5.48
C PHE A 129 -0.13 -0.44 -5.59
N SER A 130 -0.78 -0.60 -4.45
CA SER A 130 -2.17 -1.05 -4.40
CA SER A 130 -2.16 -1.06 -4.38
C SER A 130 -2.93 -0.12 -3.45
N ASP A 131 -4.01 0.48 -3.95
CA ASP A 131 -4.76 1.47 -3.17
C ASP A 131 -6.27 1.25 -3.28
N HIS A 132 -6.70 0.06 -3.68
CA HIS A 132 -8.11 -0.29 -3.86
CA HIS A 132 -8.11 -0.27 -3.87
C HIS A 132 -8.78 0.51 -4.98
N ASN A 133 -7.99 1.17 -5.84
CA ASN A 133 -8.47 1.77 -7.07
C ASN A 133 -7.88 1.03 -8.27
N ILE A 134 -8.50 1.26 -9.44
CA ILE A 134 -8.22 0.49 -10.64
C ILE A 134 -7.92 1.36 -11.85
N ALA A 135 -7.90 2.69 -11.69
CA ALA A 135 -7.79 3.63 -12.79
C ALA A 135 -7.34 4.97 -12.19
N PRO A 136 -6.93 5.92 -13.03
CA PRO A 136 -6.38 7.18 -12.50
C PRO A 136 -7.27 7.87 -11.48
N VAL A 137 -6.66 8.27 -10.37
CA VAL A 137 -7.23 9.12 -9.34
C VAL A 137 -6.12 9.40 -8.35
N LYS A 138 -6.13 10.57 -7.70
CA LYS A 138 -5.09 10.85 -6.72
C LYS A 138 -5.20 9.89 -5.55
N ALA A 139 -4.09 9.26 -5.18
CA ALA A 139 -4.11 8.33 -4.07
C ALA A 139 -4.28 9.08 -2.76
N GLU A 140 -5.06 8.47 -1.86
CA GLU A 140 -5.23 9.01 -0.51
C GLU A 140 -4.43 8.24 0.54
N HIS A 141 -3.95 7.06 0.17
CA HIS A 141 -3.15 6.15 0.98
C HIS A 141 -2.86 4.98 0.07
N PHE A 142 -1.88 4.16 0.43
CA PHE A 142 -1.54 3.03 -0.43
C PHE A 142 -0.77 1.97 0.36
N HIS A 143 -0.81 0.76 -0.18
CA HIS A 143 0.15 -0.29 0.13
C HIS A 143 1.24 -0.28 -0.92
N ILE A 144 2.46 -0.61 -0.50
CA ILE A 144 3.59 -0.66 -1.42
C ILE A 144 4.27 -2.01 -1.31
N PHE A 145 4.83 -2.45 -2.42
CA PHE A 145 5.59 -3.69 -2.54
C PHE A 145 6.86 -3.35 -3.30
N PHE A 146 8.00 -3.91 -2.88
CA PHE A 146 9.24 -3.60 -3.60
C PHE A 146 10.21 -4.76 -3.50
N GLY A 147 11.04 -4.89 -4.53
CA GLY A 147 12.12 -5.85 -4.49
C GLY A 147 13.03 -5.68 -5.70
N GLY A 148 14.05 -6.54 -5.75
CA GLY A 148 15.10 -6.42 -6.75
C GLY A 148 15.16 -7.49 -7.82
N THR A 149 14.14 -8.33 -7.97
CA THR A 149 14.18 -9.39 -8.97
C THR A 149 13.28 -9.11 -10.17
N SER A 150 11.99 -8.93 -9.93
CA SER A 150 11.03 -8.69 -11.00
C SER A 150 9.72 -8.24 -10.39
N GLN A 151 8.85 -7.69 -11.22
CA GLN A 151 7.49 -7.45 -10.78
C GLN A 151 6.83 -8.76 -10.38
N GLU A 152 7.10 -9.82 -11.12
CA GLU A 152 6.37 -11.07 -10.93
C GLU A 152 6.63 -11.68 -9.56
N THR A 153 7.86 -11.53 -9.04
CA THR A 153 8.16 -12.02 -7.70
C THR A 153 7.21 -11.40 -6.68
N LEU A 154 6.94 -10.10 -6.82
CA LEU A 154 6.14 -9.39 -5.84
C LEU A 154 4.67 -9.80 -5.86
N PHE A 155 4.20 -10.36 -6.98
CA PHE A 155 2.81 -10.81 -7.06
C PHE A 155 2.52 -11.93 -6.06
N GLU A 156 3.55 -12.59 -5.53
N GLU A 156 3.56 -12.58 -5.54
CA GLU A 156 3.31 -13.66 -4.58
CA GLU A 156 3.41 -13.69 -4.61
C GLU A 156 3.03 -13.17 -3.18
C GLU A 156 3.26 -13.24 -3.15
N GLU A 157 3.45 -11.94 -2.85
CA GLU A 157 3.33 -11.42 -1.50
C GLU A 157 1.90 -10.96 -1.27
N MET A 158 1.19 -11.65 -0.37
N MET A 158 1.19 -11.68 -0.39
CA MET A 158 -0.20 -11.36 -0.09
CA MET A 158 -0.21 -11.43 -0.08
C MET A 158 -0.47 -10.96 1.35
C MET A 158 -0.44 -10.89 1.33
N ASP A 159 0.44 -11.20 2.28
CA ASP A 159 0.15 -10.99 3.69
C ASP A 159 0.88 -9.82 4.33
N ASN A 160 1.92 -9.28 3.69
CA ASN A 160 2.61 -8.08 4.16
C ASN A 160 2.44 -7.01 3.10
N TRP A 161 1.82 -5.90 3.50
CA TRP A 161 1.47 -4.81 2.61
C TRP A 161 1.69 -3.50 3.36
N PRO A 162 2.95 -3.10 3.53
CA PRO A 162 3.25 -1.85 4.24
C PRO A 162 2.41 -0.70 3.69
N THR A 163 1.88 0.11 4.61
CA THR A 163 0.80 1.04 4.30
C THR A 163 1.16 2.45 4.71
N TYR A 164 0.81 3.40 3.84
CA TYR A 164 1.28 4.77 3.91
C TYR A 164 0.13 5.75 3.77
N TYR A 165 0.14 6.78 4.62
CA TYR A 165 -0.82 7.88 4.60
C TYR A 165 -0.05 9.20 4.55
N PRO A 166 -0.73 10.31 4.24
CA PRO A 166 -0.01 11.59 4.13
C PRO A 166 0.67 11.99 5.43
N ASP A 167 1.84 12.62 5.30
CA ASP A 167 2.61 13.06 6.47
C ASP A 167 1.89 14.11 7.30
N ASN A 168 0.96 14.85 6.72
CA ASN A 168 0.28 15.92 7.43
CA ASN A 168 0.29 15.92 7.44
C ASN A 168 -0.80 15.42 8.37
N LEU A 169 -1.08 14.12 8.38
CA LEU A 169 -2.06 13.53 9.30
C LEU A 169 -1.39 13.05 10.58
N SER A 170 -2.08 13.25 11.70
CA SER A 170 -1.72 12.56 12.93
C SER A 170 -2.14 11.10 12.85
N GLY A 171 -1.58 10.28 13.75
CA GLY A 171 -2.06 8.92 13.90
C GLY A 171 -3.54 8.85 14.19
N GLN A 172 -4.05 9.76 15.02
CA GLN A 172 -5.48 9.80 15.31
C GLN A 172 -6.31 10.04 14.05
N GLU A 173 -5.86 10.95 13.17
CA GLU A 173 -6.59 11.19 11.91
C GLU A 173 -6.55 9.97 11.01
N ILE A 174 -5.42 9.25 10.97
CA ILE A 174 -5.38 8.02 10.19
C ILE A 174 -6.38 7.01 10.73
N ALA A 175 -6.45 6.88 12.06
CA ALA A 175 -7.43 5.99 12.67
C ALA A 175 -8.84 6.40 12.27
N GLN A 176 -9.15 7.70 12.28
CA GLN A 176 -10.46 8.16 11.84
C GLN A 176 -10.76 7.69 10.42
N GLU A 177 -9.80 7.87 9.50
CA GLU A 177 -10.04 7.47 8.12
C GLU A 177 -10.30 5.98 8.02
N MET A 178 -9.59 5.18 8.82
CA MET A 178 -9.81 3.73 8.82
C MET A 178 -11.15 3.37 9.44
N LEU A 179 -11.63 4.13 10.42
CA LEU A 179 -12.93 3.89 11.03
C LEU A 179 -14.09 4.27 10.11
N ALA A 180 -13.82 5.12 9.12
CA ALA A 180 -14.82 5.52 8.14
C ALA A 180 -14.90 4.47 7.05
O20 EDT B . -5.62 -2.67 4.04
C5 EDT B . -6.01 -3.69 3.44
O19 EDT B . -5.94 -3.83 2.18
C4 EDT B . -6.57 -4.86 4.26
N3 EDT B . -7.29 -5.78 3.38
C2 EDT B . -8.57 -6.14 4.01
C1 EDT B . -9.53 -4.96 3.94
O18 EDT B . -10.61 -5.01 4.57
O17 EDT B . -9.22 -3.95 3.24
C6 EDT B . -6.52 -7.02 3.12
C7 EDT B . -5.18 -6.81 2.38
N8 EDT B . -5.36 -6.32 0.98
C9 EDT B . -6.16 -7.23 0.14
C10 EDT B . -7.63 -6.84 0.15
O16 EDT B . -7.97 -5.76 0.71
O15 EDT B . -8.47 -7.60 -0.40
C11 EDT B . -4.02 -6.10 0.39
C12 EDT B . -4.11 -5.13 -0.79
O13 EDT B . -5.16 -4.49 -0.90
O14 EDT B . -3.13 -5.00 -1.59
H041 EDT B . -7.18 -4.51 4.94
H042 EDT B . -5.85 -5.32 4.69
H021 EDT B . -8.41 -6.38 4.95
H022 EDT B . -8.95 -6.91 3.55
H061 EDT B . -6.32 -7.44 3.97
H062 EDT B . -7.07 -7.61 2.59
H071 EDT B . -4.71 -7.66 2.34
H072 EDT B . -4.65 -6.16 2.86
H091 EDT B . -5.83 -7.20 -0.77
H092 EDT B . -6.07 -8.13 0.48
H111 EDT B . -3.66 -6.95 0.08
H112 EDT B . -3.43 -5.73 1.06
NA NA C . 11.23 -3.73 6.44
NA NA D . 4.98 -5.66 0.54
#